data_3G8I
#
_entry.id   3G8I
#
_cell.length_a   42.405
_cell.length_b   76.033
_cell.length_c   98.495
_cell.angle_alpha   90.00
_cell.angle_beta   90.00
_cell.angle_gamma   90.00
#
_symmetry.space_group_name_H-M   'P 21 21 21'
#
loop_
_entity.id
_entity.type
_entity.pdbx_description
1 polymer 'Peroxisome proliferator-activated receptor alpha'
2 polymer 'Nuclear receptor coactivator 1'
3 non-polymer '(2S)-2-methoxy-3-{4-[2-(5-methyl-2-phenyl-1,3-oxazol-4-yl)ethoxy]-1-benzothiophen-7-yl}propanoic acid'
4 water water
#
loop_
_entity_poly.entity_id
_entity_poly.type
_entity_poly.pdbx_seq_one_letter_code
_entity_poly.pdbx_strand_id
1 'polypeptide(L)'
;ETADLKSLAKRIYEAYLKNFNMNKVKARVILSGKASNNPPFVIHDMETLCMAEKTLVAKLVANGIQNKEAEVRIFHCCQC
TSVETVTELTEFAKAIPGFANLDLNDQVTLLKYGVYEAIFAMLSSVMNKDGMLVAYGNGFITREFLKSLRKPFCDIMEPK
FDFAMKFNALELDDSDISLFVAAIICCGDRPGLLNVGHIEKMQEGIVHVLRLHLQSNHPDDIFLFPKLLQKMADLRQLVT
EHAQLVQIIKKTESDAALHPLLQEIYRDMY
;
A
2 'polypeptide(L)' KDHQLLRYLLDKD Z
#
loop_
_chem_comp.id
_chem_comp.type
_chem_comp.name
_chem_comp.formula
RO7 non-polymer '(2S)-2-methoxy-3-{4-[2-(5-methyl-2-phenyl-1,3-oxazol-4-yl)ethoxy]-1-benzothiophen-7-yl}propanoic acid' 'C24 H23 N O5 S'
#
# COMPACT_ATOMS: atom_id res chain seq x y z
N ASP A 4 -1.79 -19.64 22.07
CA ASP A 4 -1.03 -18.38 21.79
C ASP A 4 -0.49 -18.18 20.34
N LEU A 5 0.78 -17.79 20.24
CA LEU A 5 1.30 -17.14 19.05
C LEU A 5 2.60 -17.66 18.47
N LYS A 6 2.86 -18.96 18.62
CA LYS A 6 4.02 -19.51 17.94
C LYS A 6 3.60 -19.74 16.50
N SER A 7 2.29 -19.58 16.25
CA SER A 7 1.72 -19.75 14.91
C SER A 7 1.34 -18.44 14.20
N LEU A 8 1.45 -17.31 14.90
CA LEU A 8 1.05 -15.99 14.36
C LEU A 8 1.73 -15.59 13.03
N ALA A 9 3.03 -15.74 13.03
CA ALA A 9 3.87 -15.36 11.90
C ALA A 9 3.52 -16.19 10.66
N LYS A 10 3.35 -17.51 10.85
CA LYS A 10 2.91 -18.39 9.77
C LYS A 10 1.53 -17.99 9.24
N ARG A 11 0.61 -17.66 10.13
CA ARG A 11 -0.72 -17.32 9.67
C ARG A 11 -0.76 -16.00 8.91
N ILE A 12 0.07 -15.02 9.29
CA ILE A 12 0.08 -13.73 8.64
C ILE A 12 0.76 -13.89 7.27
N TYR A 13 1.87 -14.62 7.24
CA TYR A 13 2.61 -14.87 6.03
C TYR A 13 1.73 -15.62 5.00
N GLU A 14 1.08 -16.69 5.42
CA GLU A 14 0.18 -17.43 4.53
C GLU A 14 -0.95 -16.51 4.03
N ALA A 15 -1.55 -15.72 4.92
CA ALA A 15 -2.64 -14.80 4.52
C ALA A 15 -2.15 -13.78 3.48
N TYR A 16 -0.91 -13.32 3.65
CA TYR A 16 -0.32 -12.41 2.71
C TYR A 16 -0.13 -13.07 1.35
N LEU A 17 0.47 -14.24 1.30
CA LEU A 17 0.73 -14.81 -0.03
C LEU A 17 -0.60 -15.18 -0.69
N LYS A 18 -1.61 -15.53 0.11
CA LYS A 18 -2.88 -15.99 -0.41
C LYS A 18 -3.71 -14.81 -0.92
N ASN A 19 -3.51 -13.63 -0.35
CA ASN A 19 -4.39 -12.50 -0.69
C ASN A 19 -3.91 -11.45 -1.63
N PHE A 20 -2.60 -11.26 -1.76
CA PHE A 20 -2.13 -10.22 -2.63
C PHE A 20 -1.65 -10.80 -3.94
N ASN A 21 -2.26 -10.36 -5.03
CA ASN A 21 -1.90 -10.83 -6.39
C ASN A 21 -0.46 -10.55 -6.73
N MET A 22 0.09 -9.45 -6.23
CA MET A 22 1.48 -9.17 -6.45
C MET A 22 2.27 -9.29 -5.13
N ASN A 23 3.46 -9.88 -5.19
CA ASN A 23 4.40 -9.90 -4.06
C ASN A 23 5.84 -9.61 -4.48
N LYS A 24 6.74 -9.56 -3.52
CA LYS A 24 8.10 -9.17 -3.86
C LYS A 24 8.83 -10.17 -4.76
N VAL A 25 8.71 -11.46 -4.50
CA VAL A 25 9.42 -12.41 -5.37
C VAL A 25 8.93 -12.21 -6.81
N LYS A 26 7.63 -12.27 -7.01
CA LYS A 26 7.12 -12.04 -8.36
C LYS A 26 7.61 -10.69 -8.90
N ALA A 27 7.59 -9.65 -8.09
CA ALA A 27 7.94 -8.33 -8.59
C ALA A 27 9.40 -8.28 -9.01
N ARG A 28 10.28 -8.84 -8.19
CA ARG A 28 11.71 -8.76 -8.47
C ARG A 28 12.05 -9.57 -9.72
N VAL A 29 11.44 -10.75 -9.86
CA VAL A 29 11.66 -11.60 -11.02
C VAL A 29 11.22 -10.88 -12.30
N ILE A 30 10.03 -10.30 -12.28
CA ILE A 30 9.58 -9.57 -13.43
C ILE A 30 10.48 -8.37 -13.75
N LEU A 31 10.86 -7.60 -12.73
CA LEU A 31 11.71 -6.40 -12.97
C LEU A 31 13.09 -6.72 -13.61
N SER A 32 13.69 -7.85 -13.23
CA SER A 32 14.97 -8.25 -13.79
C SER A 32 15.00 -9.75 -13.97
N PRO A 39 8.64 -10.21 -21.47
CA PRO A 39 9.01 -8.87 -20.97
C PRO A 39 7.81 -7.87 -20.91
N PRO A 40 7.83 -7.00 -19.90
CA PRO A 40 6.75 -6.01 -19.72
C PRO A 40 6.79 -4.87 -20.76
N PHE A 41 5.63 -4.51 -21.28
CA PHE A 41 5.49 -3.36 -22.15
C PHE A 41 5.87 -2.04 -21.43
N VAL A 42 6.76 -1.26 -22.03
CA VAL A 42 7.22 -0.01 -21.43
C VAL A 42 6.37 1.20 -21.86
N ILE A 43 5.88 1.97 -20.88
CA ILE A 43 5.18 3.23 -21.12
C ILE A 43 6.17 4.28 -20.72
N HIS A 44 6.63 5.05 -21.71
CA HIS A 44 7.72 6.02 -21.51
C HIS A 44 7.37 7.37 -22.11
N ASP A 45 6.25 7.42 -22.82
CA ASP A 45 5.79 8.61 -23.54
C ASP A 45 4.30 8.48 -23.79
N MET A 46 3.70 9.52 -24.34
CA MET A 46 2.25 9.52 -24.63
C MET A 46 1.74 8.42 -25.59
N GLU A 47 2.53 8.08 -26.61
CA GLU A 47 2.10 7.07 -27.59
C GLU A 47 2.10 5.68 -26.97
N THR A 48 3.14 5.31 -26.23
CA THR A 48 3.07 4.07 -25.45
C THR A 48 1.99 4.05 -24.37
N LEU A 49 1.72 5.20 -23.73
CA LEU A 49 0.58 5.26 -22.80
C LEU A 49 -0.70 4.79 -23.49
N CYS A 50 -1.00 5.41 -24.65
CA CYS A 50 -2.20 5.07 -25.43
C CYS A 50 -2.24 3.62 -25.90
N MET A 51 -1.08 3.08 -26.33
CA MET A 51 -0.97 1.64 -26.61
C MET A 51 -1.38 0.84 -25.35
N ALA A 52 -0.69 1.11 -24.23
CA ALA A 52 -1.00 0.36 -22.97
C ALA A 52 -2.48 0.47 -22.63
N GLU A 53 -3.09 1.61 -22.90
CA GLU A 53 -4.50 1.79 -22.58
C GLU A 53 -5.40 0.92 -23.48
N LYS A 54 -4.93 0.65 -24.71
CA LYS A 54 -5.66 -0.25 -25.62
C LYS A 54 -5.45 -1.70 -25.22
N THR A 55 -4.21 -2.02 -24.85
CA THR A 55 -3.76 -3.40 -24.60
C THR A 55 -3.90 -3.93 -23.15
N LEU A 56 -3.64 -3.08 -22.18
CA LEU A 56 -3.43 -3.55 -20.83
C LEU A 56 -4.58 -3.10 -19.93
N VAL A 57 -4.94 -1.83 -20.08
CA VAL A 57 -5.95 -1.19 -19.27
C VAL A 57 -7.35 -1.12 -19.89
N ALA A 58 -7.64 -2.00 -20.86
CA ALA A 58 -8.93 -1.93 -21.59
C ALA A 58 -10.17 -1.56 -20.74
N LYS A 59 -10.47 -2.40 -19.75
CA LYS A 59 -11.70 -2.26 -18.95
C LYS A 59 -11.78 -0.96 -18.12
N LEU A 60 -10.61 -0.40 -17.76
CA LEU A 60 -10.52 0.84 -16.97
C LEU A 60 -10.71 2.11 -17.83
N LYS A 68 -10.83 13.09 -22.44
CA LYS A 68 -10.21 12.38 -21.26
C LYS A 68 -8.67 12.62 -21.07
N GLU A 69 -8.25 13.77 -20.50
CA GLU A 69 -6.81 14.12 -20.42
C GLU A 69 -5.91 13.02 -19.83
N ALA A 70 -4.70 12.88 -20.35
CA ALA A 70 -3.75 11.83 -19.94
C ALA A 70 -3.53 11.71 -18.43
N GLU A 71 -3.12 12.79 -17.79
CA GLU A 71 -2.87 12.76 -16.35
C GLU A 71 -4.13 12.21 -15.65
N VAL A 72 -5.30 12.71 -16.03
CA VAL A 72 -6.53 12.25 -15.38
C VAL A 72 -6.71 10.73 -15.57
N ARG A 73 -6.41 10.23 -16.76
CA ARG A 73 -6.52 8.80 -17.02
C ARG A 73 -5.48 8.00 -16.17
N ILE A 74 -4.27 8.52 -16.08
CA ILE A 74 -3.30 7.89 -15.23
C ILE A 74 -3.77 7.90 -13.75
N PHE A 75 -4.27 9.05 -13.29
CA PHE A 75 -4.81 9.21 -11.93
C PHE A 75 -5.87 8.18 -11.71
N HIS A 76 -6.75 8.01 -12.71
CA HIS A 76 -7.79 7.00 -12.60
C HIS A 76 -7.25 5.58 -12.46
N CYS A 77 -6.19 5.26 -13.20
CA CYS A 77 -5.65 3.88 -13.22
C CYS A 77 -4.93 3.52 -11.92
N CYS A 78 -4.24 4.51 -11.36
CA CYS A 78 -3.68 4.40 -10.02
C CYS A 78 -4.77 4.11 -9.00
N GLN A 79 -5.84 4.90 -8.97
CA GLN A 79 -6.88 4.63 -8.00
C GLN A 79 -7.60 3.27 -8.19
N CYS A 80 -7.71 2.77 -9.43
CA CYS A 80 -8.23 1.42 -9.62
C CYS A 80 -7.31 0.40 -8.90
N THR A 81 -6.02 0.64 -8.96
CA THR A 81 -5.07 -0.21 -8.26
C THR A 81 -5.28 -0.15 -6.76
N SER A 82 -5.55 1.04 -6.21
CA SER A 82 -5.87 1.15 -4.77
C SER A 82 -7.14 0.45 -4.38
N VAL A 83 -8.19 0.61 -5.19
CA VAL A 83 -9.44 -0.09 -4.88
C VAL A 83 -9.23 -1.60 -4.75
N GLU A 84 -8.51 -2.19 -5.69
CA GLU A 84 -8.26 -3.62 -5.67
C GLU A 84 -7.35 -4.01 -4.51
N THR A 85 -6.30 -3.23 -4.27
CA THR A 85 -5.47 -3.53 -3.10
C THR A 85 -6.27 -3.43 -1.80
N VAL A 86 -7.16 -2.45 -1.69
CA VAL A 86 -7.95 -2.32 -0.44
C VAL A 86 -8.81 -3.58 -0.22
N THR A 87 -9.35 -4.06 -1.32
CA THR A 87 -10.08 -5.33 -1.34
C THR A 87 -9.22 -6.53 -0.83
N GLU A 88 -7.96 -6.60 -1.25
CA GLU A 88 -7.05 -7.64 -0.77
C GLU A 88 -6.65 -7.48 0.68
N LEU A 89 -6.46 -6.23 1.12
CA LEU A 89 -6.05 -5.85 2.51
C LEU A 89 -7.11 -6.15 3.56
N THR A 90 -8.38 -5.99 3.14
CA THR A 90 -9.53 -6.33 3.96
C THR A 90 -9.56 -7.83 4.19
N GLU A 91 -9.37 -8.60 3.12
CA GLU A 91 -9.34 -10.07 3.26
C GLU A 91 -8.12 -10.52 4.10
N PHE A 92 -6.94 -9.96 3.81
CA PHE A 92 -5.75 -10.19 4.67
C PHE A 92 -6.07 -9.82 6.10
N ALA A 93 -6.72 -8.69 6.33
CA ALA A 93 -6.94 -8.29 7.73
C ALA A 93 -7.84 -9.27 8.50
N LYS A 94 -8.90 -9.75 7.85
CA LYS A 94 -9.78 -10.72 8.49
C LYS A 94 -9.07 -12.01 8.87
N ALA A 95 -7.96 -12.31 8.19
CA ALA A 95 -7.20 -13.51 8.51
C ALA A 95 -6.15 -13.28 9.61
N ILE A 96 -5.93 -12.04 10.03
CA ILE A 96 -5.04 -11.81 11.16
C ILE A 96 -5.78 -12.27 12.40
N PRO A 97 -5.17 -13.15 13.22
CA PRO A 97 -5.87 -13.67 14.42
C PRO A 97 -6.23 -12.55 15.40
N GLY A 98 -7.49 -12.54 15.86
CA GLY A 98 -7.97 -11.46 16.70
C GLY A 98 -8.79 -10.40 15.93
N PHE A 99 -8.47 -10.14 14.67
CA PHE A 99 -9.08 -9.01 13.93
C PHE A 99 -10.59 -9.15 13.71
N ALA A 100 -11.02 -10.33 13.28
CA ALA A 100 -12.44 -10.57 13.01
C ALA A 100 -13.31 -10.45 14.26
N ASN A 101 -12.68 -10.45 15.43
CA ASN A 101 -13.40 -10.42 16.69
C ASN A 101 -13.58 -9.01 17.22
N LEU A 102 -12.88 -8.04 16.60
CA LEU A 102 -13.06 -6.65 16.97
C LEU A 102 -14.43 -6.24 16.53
N ASP A 103 -14.94 -5.18 17.16
CA ASP A 103 -16.15 -4.52 16.72
C ASP A 103 -16.03 -4.09 15.25
N LEU A 104 -17.08 -4.27 14.47
CA LEU A 104 -17.03 -3.89 13.06
C LEU A 104 -16.67 -2.41 12.81
N ASN A 105 -17.09 -1.51 13.69
CA ASN A 105 -16.69 -0.11 13.57
C ASN A 105 -15.18 0.07 13.77
N ASP A 106 -14.59 -0.70 14.69
CA ASP A 106 -13.15 -0.67 14.87
C ASP A 106 -12.42 -1.24 13.63
N GLN A 107 -12.98 -2.32 13.06
CA GLN A 107 -12.42 -2.92 11.86
C GLN A 107 -12.38 -1.89 10.74
N VAL A 108 -13.44 -1.10 10.66
CA VAL A 108 -13.53 -0.09 9.62
C VAL A 108 -12.50 0.99 9.85
N THR A 109 -12.40 1.44 11.10
CA THR A 109 -11.44 2.44 11.48
C THR A 109 -9.97 2.05 11.19
N LEU A 110 -9.65 0.81 11.52
CA LEU A 110 -8.32 0.27 11.30
C LEU A 110 -7.99 0.21 9.77
N LEU A 111 -8.95 -0.18 8.95
CA LEU A 111 -8.65 -0.29 7.54
C LEU A 111 -8.60 1.10 6.95
N LYS A 112 -9.53 1.93 7.40
CA LYS A 112 -9.58 3.29 6.88
C LYS A 112 -8.23 4.04 7.00
N TYR A 113 -7.65 4.04 8.21
CA TYR A 113 -6.40 4.78 8.50
C TYR A 113 -5.15 4.02 8.18
N GLY A 114 -5.27 2.72 7.94
CA GLY A 114 -4.12 1.89 7.68
C GLY A 114 -3.88 1.49 6.21
N VAL A 115 -4.93 1.52 5.37
CA VAL A 115 -4.74 0.94 4.04
C VAL A 115 -3.67 1.65 3.21
N TYR A 116 -3.63 2.98 3.24
CA TYR A 116 -2.69 3.67 2.38
C TYR A 116 -1.28 3.50 2.86
N GLU A 117 -1.08 3.42 4.17
CA GLU A 117 0.28 3.12 4.66
C GLU A 117 0.69 1.75 4.12
N ALA A 118 -0.19 0.77 4.25
CA ALA A 118 0.10 -0.54 3.72
C ALA A 118 0.32 -0.49 2.20
N ILE A 119 -0.48 0.28 1.50
CA ILE A 119 -0.37 0.32 0.06
C ILE A 119 1.01 0.78 -0.38
N PHE A 120 1.47 1.90 0.17
CA PHE A 120 2.78 2.40 -0.24
C PHE A 120 3.94 1.56 0.21
N ALA A 121 3.81 0.87 1.34
CA ALA A 121 4.82 -0.10 1.78
C ALA A 121 4.96 -1.20 0.72
N MET A 122 3.82 -1.77 0.32
CA MET A 122 3.78 -2.81 -0.67
C MET A 122 4.14 -2.37 -2.09
N LEU A 123 3.68 -1.19 -2.52
CA LEU A 123 4.03 -0.62 -3.83
C LEU A 123 5.54 -0.56 -3.96
N SER A 124 6.23 -0.38 -2.84
CA SER A 124 7.68 -0.32 -2.95
C SER A 124 8.27 -1.52 -3.67
N SER A 125 7.66 -2.71 -3.47
CA SER A 125 8.20 -3.95 -4.06
C SER A 125 8.26 -3.96 -5.60
N VAL A 126 7.39 -3.19 -6.27
CA VAL A 126 7.31 -3.16 -7.75
C VAL A 126 8.06 -1.93 -8.33
N MET A 127 8.79 -1.20 -7.48
CA MET A 127 9.51 0.00 -7.93
C MET A 127 11.05 -0.11 -7.88
N ASN A 128 11.69 0.47 -8.89
CA ASN A 128 13.15 0.58 -8.86
C ASN A 128 13.47 2.03 -9.23
N LYS A 129 14.75 2.34 -9.39
CA LYS A 129 15.16 3.73 -9.58
C LYS A 129 14.65 4.32 -10.89
N ASP A 130 14.20 3.46 -11.80
CA ASP A 130 13.81 3.87 -13.17
C ASP A 130 12.30 3.87 -13.47
N GLY A 131 11.50 3.21 -12.63
CA GLY A 131 10.07 3.15 -12.88
C GLY A 131 9.48 2.00 -12.07
N MET A 132 8.29 1.58 -12.47
CA MET A 132 7.56 0.61 -11.67
C MET A 132 6.62 -0.21 -12.55
N LEU A 133 6.25 -1.40 -12.10
CA LEU A 133 5.33 -2.25 -12.83
C LEU A 133 3.89 -1.73 -12.75
N VAL A 134 3.09 -2.11 -13.74
CA VAL A 134 1.69 -1.71 -13.78
C VAL A 134 0.92 -2.87 -14.33
N ALA A 135 -0.41 -2.84 -14.25
CA ALA A 135 -1.19 -3.92 -14.84
C ALA A 135 -0.58 -5.28 -14.54
N TYR A 136 -0.48 -5.59 -13.24
CA TYR A 136 -0.04 -6.90 -12.74
C TYR A 136 1.29 -7.35 -13.24
N GLY A 137 2.20 -6.42 -13.43
CA GLY A 137 3.50 -6.74 -13.97
C GLY A 137 3.54 -6.91 -15.49
N ASN A 138 2.43 -6.64 -16.17
CA ASN A 138 2.40 -6.78 -17.63
C ASN A 138 2.99 -5.54 -18.27
N GLY A 139 3.17 -4.50 -17.45
CA GLY A 139 3.74 -3.27 -17.90
C GLY A 139 4.74 -2.66 -16.96
N PHE A 140 5.47 -1.70 -17.48
CA PHE A 140 6.42 -0.96 -16.67
C PHE A 140 6.29 0.47 -17.12
N ILE A 141 6.10 1.39 -16.17
CA ILE A 141 6.02 2.82 -16.46
C ILE A 141 7.27 3.48 -15.89
N THR A 142 7.94 4.30 -16.71
CA THR A 142 9.24 4.87 -16.30
C THR A 142 9.06 6.06 -15.40
N ARG A 143 10.04 6.26 -14.53
CA ARG A 143 10.04 7.33 -13.58
C ARG A 143 10.06 8.71 -14.26
N GLU A 144 10.75 8.78 -15.40
CA GLU A 144 10.87 10.02 -16.15
C GLU A 144 9.55 10.37 -16.80
N PHE A 145 8.88 9.40 -17.40
CA PHE A 145 7.55 9.69 -17.89
C PHE A 145 6.67 10.24 -16.76
N LEU A 146 6.70 9.59 -15.58
CA LEU A 146 5.89 10.10 -14.46
C LEU A 146 6.26 11.56 -14.04
N LYS A 147 7.56 11.91 -14.02
CA LYS A 147 8.04 13.26 -13.74
C LYS A 147 7.59 14.27 -14.82
N SER A 148 7.35 13.81 -16.04
CA SER A 148 6.98 14.76 -17.09
C SER A 148 5.50 15.17 -17.01
N LEU A 149 4.74 14.51 -16.14
CA LEU A 149 3.36 14.85 -16.02
C LEU A 149 3.20 16.31 -15.59
N ARG A 150 2.08 16.94 -15.91
CA ARG A 150 1.89 18.27 -15.35
C ARG A 150 1.50 18.16 -13.88
N LYS A 151 1.90 19.15 -13.08
CA LYS A 151 1.39 19.31 -11.71
C LYS A 151 -0.13 19.48 -11.75
N PRO A 152 -0.84 18.95 -10.76
CA PRO A 152 -0.26 18.33 -9.57
C PRO A 152 0.03 16.81 -9.69
N PHE A 153 -0.36 16.21 -10.82
CA PHE A 153 -0.22 14.77 -11.00
C PHE A 153 1.19 14.27 -10.88
N CYS A 154 2.15 15.00 -11.45
CA CYS A 154 3.53 14.56 -11.29
C CYS A 154 3.91 14.45 -9.80
N ASP A 155 3.29 15.27 -8.99
CA ASP A 155 3.73 15.41 -7.60
C ASP A 155 3.31 14.27 -6.68
N ILE A 156 2.38 13.43 -7.12
CA ILE A 156 2.00 12.32 -6.28
C ILE A 156 2.92 11.16 -6.62
N MET A 157 3.70 11.28 -7.70
CA MET A 157 4.52 10.15 -8.16
C MET A 157 5.89 10.07 -7.50
N GLU A 158 6.70 11.10 -7.67
CA GLU A 158 8.12 11.05 -7.25
C GLU A 158 8.41 10.83 -5.76
N PRO A 159 7.68 11.48 -4.84
CA PRO A 159 7.85 11.19 -3.40
C PRO A 159 7.68 9.72 -3.07
N LYS A 160 6.85 8.99 -3.84
CA LYS A 160 6.75 7.53 -3.61
C LYS A 160 8.03 6.77 -3.98
N PHE A 161 8.72 7.21 -5.04
CA PHE A 161 9.98 6.58 -5.44
C PHE A 161 11.01 6.94 -4.42
N ASP A 162 10.97 8.18 -3.95
CA ASP A 162 11.91 8.61 -2.92
C ASP A 162 11.76 7.69 -1.73
N PHE A 163 10.51 7.42 -1.34
CA PHE A 163 10.33 6.56 -0.19
C PHE A 163 10.73 5.11 -0.49
N ALA A 164 10.32 4.62 -1.67
CA ALA A 164 10.57 3.24 -2.06
C ALA A 164 12.07 2.91 -2.17
N MET A 165 12.86 3.82 -2.73
CA MET A 165 14.28 3.51 -2.91
C MET A 165 14.92 3.24 -1.54
N LYS A 166 14.57 4.04 -0.55
CA LYS A 166 15.06 3.87 0.83
C LYS A 166 14.46 2.67 1.55
N PHE A 167 13.17 2.38 1.33
CA PHE A 167 12.55 1.21 2.00
C PHE A 167 13.12 -0.06 1.39
N ASN A 168 13.36 -0.03 0.07
CA ASN A 168 13.93 -1.18 -0.63
C ASN A 168 15.39 -1.50 -0.29
N ALA A 169 16.13 -0.48 0.18
CA ALA A 169 17.54 -0.69 0.58
C ALA A 169 17.62 -1.56 1.84
N LEU A 170 16.49 -1.73 2.50
CA LEU A 170 16.41 -2.58 3.70
C LEU A 170 16.31 -4.05 3.27
N GLU A 171 16.01 -4.28 2.00
CA GLU A 171 15.99 -5.64 1.47
C GLU A 171 15.07 -6.54 2.30
N LEU A 172 13.90 -6.04 2.69
CA LEU A 172 12.93 -6.93 3.28
C LEU A 172 12.53 -8.00 2.26
N ASP A 173 12.12 -9.17 2.76
CA ASP A 173 11.43 -10.12 1.90
C ASP A 173 9.93 -10.15 2.27
N ASP A 174 9.18 -10.95 1.54
CA ASP A 174 7.74 -10.98 1.69
C ASP A 174 7.32 -11.35 3.09
N SER A 175 8.05 -12.25 3.72
CA SER A 175 7.69 -12.63 5.09
C SER A 175 7.86 -11.47 6.06
N ASP A 176 8.85 -10.59 5.86
CA ASP A 176 9.05 -9.50 6.80
C ASP A 176 7.89 -8.54 6.58
N ILE A 177 7.64 -8.33 5.28
CA ILE A 177 6.64 -7.37 4.83
C ILE A 177 5.23 -7.74 5.33
N SER A 178 4.93 -9.02 5.32
CA SER A 178 3.61 -9.46 5.76
C SER A 178 3.41 -9.06 7.21
N LEU A 179 4.45 -9.26 8.03
CA LEU A 179 4.35 -8.90 9.46
C LEU A 179 4.26 -7.42 9.67
N PHE A 180 5.03 -6.71 8.87
CA PHE A 180 5.05 -5.24 8.86
C PHE A 180 3.67 -4.64 8.50
N VAL A 181 3.06 -5.17 7.44
CA VAL A 181 1.75 -4.67 7.01
C VAL A 181 0.69 -5.01 8.06
N ALA A 182 0.77 -6.21 8.64
CA ALA A 182 -0.12 -6.55 9.79
C ALA A 182 0.01 -5.56 10.97
N ALA A 183 1.25 -5.18 11.29
CA ALA A 183 1.52 -4.19 12.36
C ALA A 183 0.93 -2.80 12.05
N ILE A 184 1.05 -2.37 10.80
CA ILE A 184 0.43 -1.15 10.33
C ILE A 184 -1.11 -1.16 10.51
N ILE A 185 -1.77 -2.26 10.19
CA ILE A 185 -3.23 -2.32 10.32
C ILE A 185 -3.70 -2.34 11.80
N CYS A 186 -3.07 -3.19 12.60
CA CYS A 186 -3.55 -3.42 13.97
C CYS A 186 -2.91 -2.38 14.82
N CYS A 187 -3.28 -1.16 14.59
CA CYS A 187 -2.55 -0.09 15.16
C CYS A 187 -3.44 0.63 16.17
N GLY A 188 -3.00 0.67 17.43
CA GLY A 188 -3.85 1.05 18.54
C GLY A 188 -4.11 2.52 18.74
N ASP A 189 -3.42 3.38 18.03
CA ASP A 189 -3.70 4.80 18.16
C ASP A 189 -4.43 5.43 16.97
N ARG A 190 -5.09 4.65 16.12
CA ARG A 190 -5.95 5.30 15.12
C ARG A 190 -7.07 6.07 15.85
N PRO A 191 -7.52 7.18 15.28
CA PRO A 191 -8.59 8.02 15.86
C PRO A 191 -9.93 7.30 15.99
N GLY A 192 -10.62 7.51 17.11
CA GLY A 192 -12.00 7.05 17.27
C GLY A 192 -12.16 5.56 17.47
N LEU A 193 -11.08 4.88 17.87
CA LEU A 193 -11.15 3.46 18.14
C LEU A 193 -11.98 3.19 19.39
N LEU A 194 -12.99 2.32 19.24
CA LEU A 194 -13.92 2.00 20.32
C LEU A 194 -13.29 1.23 21.45
N ASN A 195 -12.37 0.31 21.14
CA ASN A 195 -11.66 -0.51 22.12
C ASN A 195 -10.13 -0.54 21.96
N VAL A 196 -9.44 0.52 22.41
CA VAL A 196 -7.98 0.56 22.21
C VAL A 196 -7.21 -0.64 22.83
N GLY A 197 -7.65 -1.07 24.01
CA GLY A 197 -7.04 -2.18 24.72
C GLY A 197 -6.87 -3.45 23.90
N HIS A 198 -7.95 -3.98 23.31
CA HIS A 198 -7.85 -5.21 22.51
C HIS A 198 -6.93 -5.06 21.29
N ILE A 199 -6.97 -3.90 20.65
CA ILE A 199 -6.17 -3.63 19.48
C ILE A 199 -4.68 -3.46 19.84
N GLU A 200 -4.38 -2.74 20.93
CA GLU A 200 -3.03 -2.61 21.44
C GLU A 200 -2.43 -3.98 21.78
N LYS A 201 -3.26 -4.90 22.25
CA LYS A 201 -2.74 -6.24 22.56
C LYS A 201 -2.51 -7.06 21.31
N MET A 202 -3.35 -6.91 20.30
CA MET A 202 -3.03 -7.55 19.01
C MET A 202 -1.70 -7.00 18.52
N GLN A 203 -1.56 -5.69 18.61
CA GLN A 203 -0.39 -5.03 18.11
C GLN A 203 0.87 -5.54 18.79
N GLU A 204 0.83 -5.71 20.11
CA GLU A 204 2.05 -6.09 20.84
C GLU A 204 2.50 -7.51 20.43
N GLY A 205 1.53 -8.37 20.22
CA GLY A 205 1.79 -9.72 19.77
C GLY A 205 2.46 -9.72 18.40
N ILE A 206 1.88 -8.98 17.45
CA ILE A 206 2.48 -8.90 16.11
C ILE A 206 3.87 -8.29 16.12
N VAL A 207 4.05 -7.21 16.87
CA VAL A 207 5.32 -6.48 16.89
C VAL A 207 6.38 -7.34 17.59
N HIS A 208 5.95 -8.17 18.52
CA HIS A 208 6.86 -9.08 19.16
C HIS A 208 7.30 -10.16 18.15
N VAL A 209 6.35 -10.75 17.46
CA VAL A 209 6.74 -11.77 16.51
C VAL A 209 7.58 -11.17 15.38
N LEU A 210 7.24 -9.96 14.94
CA LEU A 210 8.07 -9.27 13.97
C LEU A 210 9.51 -9.16 14.42
N ARG A 211 9.70 -8.65 15.64
CA ARG A 211 11.04 -8.41 16.18
C ARG A 211 11.83 -9.71 16.09
N LEU A 212 11.26 -10.79 16.60
CA LEU A 212 11.94 -12.07 16.59
C LEU A 212 12.18 -12.57 15.18
N HIS A 213 11.23 -12.31 14.28
CA HIS A 213 11.40 -12.75 12.89
C HIS A 213 12.56 -11.99 12.22
N LEU A 214 12.62 -10.68 12.42
CA LEU A 214 13.71 -9.98 11.81
C LEU A 214 15.04 -10.46 12.36
N GLN A 215 15.07 -10.83 13.64
CA GLN A 215 16.34 -11.29 14.24
C GLN A 215 16.83 -12.56 13.57
N SER A 216 15.92 -13.50 13.33
CA SER A 216 16.34 -14.77 12.73
C SER A 216 16.41 -14.74 11.21
N ASN A 217 15.66 -13.83 10.56
CA ASN A 217 15.69 -13.74 9.09
C ASN A 217 16.86 -12.86 8.64
N HIS A 218 17.19 -11.84 9.43
CA HIS A 218 18.29 -10.97 9.11
C HIS A 218 19.25 -10.83 10.31
N PRO A 219 20.08 -11.82 10.59
CA PRO A 219 20.84 -11.84 11.86
C PRO A 219 21.91 -10.76 11.96
N ASP A 220 22.38 -10.27 10.82
CA ASP A 220 23.45 -9.27 10.83
C ASP A 220 23.01 -7.79 10.73
N ASP A 221 21.71 -7.54 10.52
CA ASP A 221 21.21 -6.16 10.53
C ASP A 221 20.63 -5.87 11.89
N ILE A 222 21.50 -5.36 12.77
CA ILE A 222 21.24 -5.23 14.20
C ILE A 222 20.12 -4.27 14.45
N PHE A 223 20.03 -3.20 13.64
CA PHE A 223 19.04 -2.16 13.83
C PHE A 223 17.81 -2.24 12.87
N LEU A 224 17.61 -3.36 12.19
CA LEU A 224 16.49 -3.42 11.24
C LEU A 224 15.18 -3.16 11.97
N PHE A 225 14.95 -3.83 13.09
CA PHE A 225 13.73 -3.56 13.84
C PHE A 225 13.42 -2.06 14.04
N PRO A 226 14.22 -1.32 14.83
CA PRO A 226 14.03 0.12 14.99
C PRO A 226 13.95 0.86 13.69
N LYS A 227 14.72 0.42 12.69
CA LYS A 227 14.67 1.06 11.37
C LYS A 227 13.25 0.97 10.75
N LEU A 228 12.69 -0.23 10.75
CA LEU A 228 11.28 -0.46 10.39
C LEU A 228 10.27 0.35 11.23
N LEU A 229 10.44 0.41 12.54
CA LEU A 229 9.55 1.26 13.35
C LEU A 229 9.56 2.66 12.73
N GLN A 230 10.76 3.12 12.36
CA GLN A 230 10.85 4.43 11.75
C GLN A 230 10.11 4.48 10.43
N LYS A 231 10.22 3.42 9.62
CA LYS A 231 9.53 3.41 8.33
C LYS A 231 8.04 3.56 8.55
N MET A 232 7.52 3.05 9.67
CA MET A 232 6.11 3.21 9.98
C MET A 232 5.67 4.68 10.08
N ALA A 233 6.43 5.48 10.82
CA ALA A 233 6.08 6.90 11.01
C ALA A 233 6.30 7.66 9.70
N ASP A 234 7.34 7.29 8.98
CA ASP A 234 7.56 7.84 7.66
C ASP A 234 6.39 7.57 6.71
N LEU A 235 5.79 6.38 6.78
CA LEU A 235 4.69 6.09 5.85
C LEU A 235 3.52 6.94 6.23
N ARG A 236 3.40 7.20 7.52
CA ARG A 236 2.33 8.01 8.03
C ARG A 236 2.39 9.40 7.40
N GLN A 237 3.56 10.02 7.47
CA GLN A 237 3.79 11.31 6.88
C GLN A 237 3.55 11.21 5.38
N LEU A 238 4.09 10.16 4.76
CA LEU A 238 3.93 9.96 3.31
C LEU A 238 2.41 10.01 2.90
N VAL A 239 1.56 9.31 3.66
CA VAL A 239 0.12 9.28 3.38
C VAL A 239 -0.53 10.67 3.58
N THR A 240 -0.16 11.35 4.67
CA THR A 240 -0.66 12.70 4.95
C THR A 240 -0.35 13.66 3.78
N GLU A 241 0.88 13.62 3.31
CA GLU A 241 1.24 14.42 2.15
C GLU A 241 0.45 14.02 0.87
N HIS A 242 0.31 12.72 0.65
CA HIS A 242 -0.42 12.18 -0.50
C HIS A 242 -1.88 12.62 -0.42
N ALA A 243 -2.49 12.42 0.76
CA ALA A 243 -3.89 12.76 0.95
C ALA A 243 -4.10 14.25 0.65
N GLN A 244 -3.16 15.09 1.07
CA GLN A 244 -3.25 16.50 0.77
C GLN A 244 -3.22 16.83 -0.72
N LEU A 245 -2.41 16.13 -1.51
CA LEU A 245 -2.38 16.35 -2.96
C LEU A 245 -3.66 15.85 -3.63
N VAL A 246 -4.17 14.74 -3.12
CA VAL A 246 -5.42 14.20 -3.65
C VAL A 246 -6.61 15.12 -3.37
N GLN A 247 -6.54 15.83 -2.23
CA GLN A 247 -7.58 16.79 -1.92
C GLN A 247 -7.48 18.02 -2.84
N ILE A 248 -6.25 18.45 -3.13
CA ILE A 248 -6.02 19.56 -4.04
C ILE A 248 -6.59 19.16 -5.44
N ILE A 249 -6.25 17.96 -5.88
CA ILE A 249 -6.65 17.50 -7.18
C ILE A 249 -8.16 17.46 -7.27
N LYS A 250 -8.77 16.95 -6.21
CA LYS A 250 -10.21 16.81 -6.16
C LYS A 250 -10.99 18.13 -6.21
N LYS A 251 -10.41 19.20 -5.70
CA LYS A 251 -11.14 20.45 -5.61
C LYS A 251 -10.86 21.33 -6.81
N THR A 252 -9.75 21.03 -7.50
CA THR A 252 -9.32 21.89 -8.60
C THR A 252 -9.23 21.23 -9.99
N GLU A 253 -9.48 19.95 -10.10
CA GLU A 253 -9.51 19.32 -11.43
C GLU A 253 -10.93 18.82 -11.70
N SER A 254 -11.64 19.48 -12.61
CA SER A 254 -13.06 19.13 -12.85
C SER A 254 -13.27 17.73 -13.43
N ASP A 255 -12.21 17.16 -13.97
CA ASP A 255 -12.30 15.87 -14.63
C ASP A 255 -11.76 14.68 -13.85
N ALA A 256 -11.26 14.94 -12.64
CA ALA A 256 -10.73 13.86 -11.81
C ALA A 256 -11.68 13.50 -10.66
N ALA A 257 -12.54 12.49 -10.86
CA ALA A 257 -13.31 12.00 -9.72
C ALA A 257 -12.49 11.00 -8.92
N LEU A 258 -12.82 10.87 -7.63
CA LEU A 258 -12.30 9.82 -6.76
C LEU A 258 -13.35 8.72 -6.67
N HIS A 259 -12.90 7.47 -6.81
CA HIS A 259 -13.71 6.29 -6.58
C HIS A 259 -14.38 6.39 -5.22
N PRO A 260 -15.65 6.03 -5.10
CA PRO A 260 -16.32 6.16 -3.80
C PRO A 260 -15.66 5.41 -2.62
N LEU A 261 -14.98 4.28 -2.85
CA LEU A 261 -14.24 3.61 -1.76
C LEU A 261 -13.14 4.55 -1.26
N LEU A 262 -12.37 5.09 -2.21
CA LEU A 262 -11.28 5.96 -1.86
C LEU A 262 -11.83 7.20 -1.16
N GLN A 263 -13.00 7.66 -1.62
CA GLN A 263 -13.57 8.85 -1.02
C GLN A 263 -13.93 8.60 0.46
N GLU A 264 -14.54 7.45 0.83
CA GLU A 264 -14.76 7.19 2.27
C GLU A 264 -13.44 7.14 3.04
N ILE A 265 -12.44 6.44 2.50
CA ILE A 265 -11.18 6.33 3.23
C ILE A 265 -10.61 7.72 3.52
N TYR A 266 -10.63 8.59 2.53
CA TYR A 266 -10.00 9.90 2.65
C TYR A 266 -10.77 10.94 3.47
N ARG A 267 -12.07 10.71 3.66
CA ARG A 267 -12.91 11.67 4.36
C ARG A 267 -12.45 11.91 5.81
N ASP A 268 -12.30 13.18 6.21
CA ASP A 268 -11.84 13.52 7.56
C ASP A 268 -10.34 13.32 7.87
N MET A 269 -9.47 13.10 6.89
CA MET A 269 -8.08 12.70 7.25
C MET A 269 -7.06 13.71 7.87
N TYR A 270 -6.86 14.87 7.26
CA TYR A 270 -5.95 15.95 7.74
C TYR A 270 -4.62 15.55 8.42
N HIS B 3 -19.00 4.78 5.99
CA HIS B 3 -18.04 3.89 5.25
C HIS B 3 -18.73 2.58 4.83
N GLN B 4 -19.75 2.80 4.00
CA GLN B 4 -20.63 1.79 3.48
C GLN B 4 -19.82 0.75 2.74
N LEU B 5 -18.97 1.18 1.82
CA LEU B 5 -18.25 0.24 1.00
C LEU B 5 -17.17 -0.51 1.82
N LEU B 6 -16.51 0.18 2.76
CA LEU B 6 -15.50 -0.51 3.59
C LEU B 6 -16.21 -1.53 4.47
N ARG B 7 -17.31 -1.11 5.10
CA ARG B 7 -18.16 -2.01 5.90
C ARG B 7 -18.64 -3.13 5.02
N TYR B 8 -19.01 -2.79 3.78
CA TYR B 8 -19.40 -3.81 2.81
C TYR B 8 -18.31 -4.89 2.59
N LEU B 9 -17.05 -4.46 2.39
CA LEU B 9 -15.94 -5.43 2.28
C LEU B 9 -15.80 -6.24 3.53
N LEU B 10 -15.88 -5.60 4.69
CA LEU B 10 -15.67 -6.29 5.97
C LEU B 10 -16.84 -7.14 6.39
C25 RO7 C . 2.07 5.06 -11.46
C7 RO7 C . 1.24 4.08 -12.26
O3 RO7 C . 0.71 4.48 -13.45
C2 RO7 C . 0.02 3.37 -13.89
C16 RO7 C . -0.71 3.16 -15.07
C26 RO7 C . -1.33 1.94 -15.35
C29 RO7 C . -2.05 1.75 -16.54
C31 RO7 C . -2.14 2.82 -17.45
C30 RO7 C . -1.53 4.04 -17.18
C27 RO7 C . -0.81 4.22 -15.99
N1 RO7 C . 0.08 2.30 -13.04
C4 RO7 C . 0.83 2.69 -12.00
C20 RO7 C . 1.24 1.94 -10.77
C23 RO7 C . 0.28 2.21 -9.63
O22 RO7 C . 0.79 3.29 -8.87
C13 RO7 C . 0.01 3.88 -7.93
C19 RO7 C . -1.17 3.29 -7.45
C17 RO7 C . -1.94 3.93 -6.46
C5 RO7 C . 0.47 5.17 -7.42
C15 RO7 C . 1.68 5.86 -7.81
C12 RO7 C . 1.70 7.06 -7.07
C6 RO7 C . -0.31 5.85 -6.40
S9 RO7 C . 0.38 7.28 -6.00
C8 RO7 C . -1.57 5.19 -5.93
C11 RO7 C . -2.46 5.82 -4.89
C14 RO7 C . -3.57 6.58 -5.63
O24 RO7 C . -3.03 7.79 -6.19
C28 RO7 C . -4.00 8.50 -6.99
C10 RO7 C . -4.68 6.85 -4.66
O21 RO7 C . -5.54 5.98 -4.49
O18 RO7 C . -4.71 7.92 -4.05
#